data_3NPP
#
_entry.id   3NPP
#
_cell.length_a   91.535
_cell.length_b   91.535
_cell.length_c   59.130
_cell.angle_alpha   90.000
_cell.angle_beta   90.000
_cell.angle_gamma   120.000
#
_symmetry.space_group_name_H-M   'P 3 2 1'
#
loop_
_entity.id
_entity.type
_entity.pdbx_description
1 polymer 'Pfam DUF1093 family protein'
2 non-polymer GLYCEROL
3 non-polymer 'SULFATE ION'
4 water water
#
_entity_poly.entity_id   1
_entity_poly.type   'polypeptide(L)'
_entity_poly.pdbx_seq_one_letter_code
;GRFNPFIHQQDVYVQIDRDGRHLSPGGTEYTLDGYNASGKKEEVTFFAGKELRKNAYLKVKAKGKYVETWEEVKFED
(MSE)PDSVQSKLK
;
_entity_poly.pdbx_strand_id   A,B
#
loop_
_chem_comp.id
_chem_comp.type
_chem_comp.name
_chem_comp.formula
GOL non-polymer GLYCEROL 'C3 H8 O3'
SO4 non-polymer 'SULFATE ION' 'O4 S -2'
#
# COMPACT_ATOMS: atom_id res chain seq x y z
N GLY A 1 -12.34 -7.58 7.70
CA GLY A 1 -11.55 -6.34 7.51
C GLY A 1 -12.27 -5.42 6.52
N ARG A 2 -11.85 -4.15 6.49
CA ARG A 2 -12.43 -3.13 5.61
C ARG A 2 -11.34 -2.53 4.80
N PHE A 3 -11.56 -2.42 3.48
CA PHE A 3 -10.55 -1.89 2.57
C PHE A 3 -11.11 -0.74 1.76
N ASN A 4 -10.26 0.28 1.52
CA ASN A 4 -10.66 1.53 0.85
C ASN A 4 -9.68 1.94 -0.28
N PRO A 5 -10.14 2.78 -1.22
CA PRO A 5 -9.28 3.23 -2.29
C PRO A 5 -8.66 4.63 -2.06
N PHE A 6 -8.60 5.11 -0.80
CA PHE A 6 -8.22 6.54 -0.53
C PHE A 6 -6.73 6.56 -0.21
N ILE A 7 -5.92 6.55 -1.27
CA ILE A 7 -4.46 6.26 -1.15
C ILE A 7 -3.68 7.53 -0.74
N HIS A 8 -3.02 7.47 0.42
CA HIS A 8 -2.28 8.59 1.00
C HIS A 8 -0.80 8.31 0.78
N GLN A 9 -0.13 9.13 0.00
CA GLN A 9 1.31 9.00 -0.22
C GLN A 9 2.05 9.84 0.82
N GLN A 10 3.13 9.30 1.35
CA GLN A 10 4.07 10.10 2.15
C GLN A 10 5.47 9.86 1.68
N ASP A 11 6.32 10.85 1.86
CA ASP A 11 7.75 10.76 1.50
C ASP A 11 8.51 11.13 2.72
N VAL A 12 9.35 10.20 3.21
CA VAL A 12 10.05 10.39 4.47
C VAL A 12 11.53 10.65 4.14
N TYR A 13 12.04 11.77 4.59
CA TYR A 13 13.42 12.18 4.33
C TYR A 13 14.29 11.80 5.52
N VAL A 14 15.44 11.19 5.23
CA VAL A 14 16.35 10.67 6.25
C VAL A 14 17.79 10.98 5.88
N GLN A 15 18.67 10.95 6.88
CA GLN A 15 20.10 10.89 6.63
C GLN A 15 20.61 9.54 7.07
N ILE A 16 21.53 8.97 6.30
CA ILE A 16 22.13 7.68 6.63
C ILE A 16 23.19 7.94 7.73
N ASP A 17 22.68 8.09 8.96
CA ASP A 17 23.47 8.44 10.13
C ASP A 17 23.55 7.31 11.18
N ARG A 18 23.17 6.09 10.77
CA ARG A 18 23.28 4.90 11.59
CA ARG A 18 23.29 4.90 11.60
C ARG A 18 23.82 3.77 10.69
N ASP A 19 24.47 2.79 11.30
CA ASP A 19 24.85 1.59 10.60
C ASP A 19 23.62 0.87 10.09
N GLY A 20 23.75 0.28 8.92
CA GLY A 20 22.79 -0.64 8.42
C GLY A 20 23.00 -2.00 9.05
N ARG A 21 22.13 -2.91 8.69
CA ARG A 21 22.26 -4.31 9.06
C ARG A 21 22.02 -5.15 7.82
N HIS A 22 22.94 -6.06 7.53
CA HIS A 22 22.84 -6.95 6.40
C HIS A 22 21.56 -7.82 6.47
N LEU A 23 20.96 -8.05 5.32
CA LEU A 23 19.86 -8.99 5.16
C LEU A 23 20.15 -9.82 3.92
N SER A 24 20.55 -11.07 4.12
CA SER A 24 20.82 -11.98 3.04
C SER A 24 19.50 -12.35 2.36
N PRO A 25 19.50 -12.48 1.00
CA PRO A 25 20.58 -12.26 0.04
C PRO A 25 20.68 -10.80 -0.44
N GLY A 26 21.86 -10.19 -0.32
CA GLY A 26 22.18 -8.94 -0.99
C GLY A 26 21.50 -7.67 -0.51
N GLY A 27 20.92 -7.69 0.70
CA GLY A 27 20.17 -6.53 1.23
C GLY A 27 20.89 -5.83 2.37
N THR A 28 20.55 -4.57 2.55
CA THR A 28 20.99 -3.79 3.72
C THR A 28 19.74 -3.09 4.27
N GLU A 29 19.45 -3.33 5.55
CA GLU A 29 18.33 -2.72 6.23
C GLU A 29 18.78 -1.45 6.97
N TYR A 30 17.95 -0.40 6.96
CA TYR A 30 18.16 0.80 7.79
C TYR A 30 16.87 1.08 8.51
N THR A 31 16.96 1.41 9.80
CA THR A 31 15.82 1.95 10.56
C THR A 31 16.25 3.29 11.11
N LEU A 32 15.67 4.37 10.57
CA LEU A 32 16.14 5.71 10.80
C LEU A 32 14.98 6.61 11.17
N ASP A 33 15.26 7.66 11.95
CA ASP A 33 14.30 8.72 12.18
C ASP A 33 14.35 9.69 11.05
N GLY A 34 13.20 10.19 10.65
CA GLY A 34 13.11 11.09 9.49
C GLY A 34 11.95 12.03 9.60
N TYR A 35 11.68 12.76 8.52
CA TYR A 35 10.61 13.74 8.51
C TYR A 35 9.86 13.60 7.22
N ASN A 36 8.53 13.68 7.28
CA ASN A 36 7.74 13.64 6.05
C ASN A 36 7.73 15.01 5.37
N ALA A 37 7.00 15.16 4.28
CA ALA A 37 7.01 16.39 3.47
C ALA A 37 6.46 17.59 4.22
N SER A 38 5.55 17.36 5.16
CA SER A 38 5.05 18.40 6.05
C SER A 38 5.86 18.54 7.35
N GLY A 39 7.06 17.96 7.43
CA GLY A 39 7.94 18.10 8.59
C GLY A 39 7.56 17.29 9.83
N LYS A 40 6.65 16.33 9.71
CA LYS A 40 6.27 15.51 10.85
C LYS A 40 7.34 14.45 11.10
N LYS A 41 7.71 14.21 12.34
CA LYS A 41 8.72 13.18 12.69
C LYS A 41 8.17 11.77 12.45
N GLU A 42 9.01 10.91 11.85
CA GLU A 42 8.65 9.51 11.48
C GLU A 42 9.81 8.55 11.77
N GLU A 43 9.50 7.28 11.91
CA GLU A 43 10.51 6.22 11.91
C GLU A 43 10.26 5.40 10.67
N VAL A 44 11.30 5.14 9.90
CA VAL A 44 11.16 4.36 8.68
C VAL A 44 12.19 3.21 8.67
N THR A 45 11.72 2.02 8.38
CA THR A 45 12.52 0.85 8.10
C THR A 45 12.42 0.56 6.61
N PHE A 46 13.56 0.46 5.93
CA PHE A 46 13.60 0.20 4.53
C PHE A 46 14.87 -0.57 4.18
N PHE A 47 14.89 -1.12 2.98
CA PHE A 47 16.00 -1.98 2.52
C PHE A 47 16.56 -1.45 1.21
N ALA A 48 17.87 -1.51 1.03
CA ALA A 48 18.50 -1.21 -0.25
C ALA A 48 19.27 -2.43 -0.71
N GLY A 49 19.43 -2.58 -2.01
CA GLY A 49 20.21 -3.68 -2.60
C GLY A 49 21.72 -3.48 -2.58
N LYS A 50 22.19 -2.37 -1.94
CA LYS A 50 23.59 -2.15 -1.65
C LYS A 50 23.70 -1.35 -0.34
N GLU A 51 24.91 -1.35 0.23
CA GLU A 51 25.21 -0.48 1.39
C GLU A 51 25.32 0.94 0.92
N LEU A 52 24.60 1.83 1.59
CA LEU A 52 24.51 3.22 1.20
C LEU A 52 25.64 4.01 1.86
N ARG A 53 25.99 5.13 1.24
CA ARG A 53 27.12 5.96 1.66
C ARG A 53 26.73 6.68 2.96
N LYS A 54 27.60 6.59 3.97
CA LYS A 54 27.40 7.30 5.26
C LYS A 54 27.15 8.81 5.05
N ASN A 55 26.12 9.34 5.72
CA ASN A 55 25.69 10.73 5.61
C ASN A 55 24.99 11.17 4.31
N ALA A 56 24.71 10.25 3.40
CA ALA A 56 23.82 10.52 2.27
C ALA A 56 22.40 10.85 2.78
N TYR A 57 21.67 11.68 2.02
CA TYR A 57 20.27 11.96 2.30
C TYR A 57 19.37 11.14 1.35
N LEU A 58 18.32 10.56 1.92
CA LEU A 58 17.43 9.66 1.19
C LEU A 58 15.99 10.14 1.32
N LYS A 59 15.22 9.96 0.26
CA LYS A 59 13.77 10.08 0.27
C LYS A 59 13.18 8.64 0.16
N VAL A 60 12.35 8.24 1.13
CA VAL A 60 11.68 6.93 1.12
C VAL A 60 10.19 7.16 0.91
N LYS A 61 9.65 6.64 -0.19
CA LYS A 61 8.26 6.89 -0.58
C LYS A 61 7.40 5.76 -0.03
N ALA A 62 6.26 6.14 0.57
CA ALA A 62 5.35 5.23 1.19
C ALA A 62 3.97 5.48 0.69
N LYS A 63 3.16 4.44 0.68
CA LYS A 63 1.71 4.52 0.48
C LYS A 63 1.10 3.95 1.73
N GLY A 64 0.24 4.73 2.39
CA GLY A 64 -0.20 4.41 3.76
C GLY A 64 1.05 4.29 4.64
N LYS A 65 1.17 3.19 5.35
CA LYS A 65 2.36 2.91 6.18
C LYS A 65 3.41 2.01 5.49
N TYR A 66 3.20 1.71 4.20
CA TYR A 66 4.03 0.74 3.47
C TYR A 66 5.05 1.49 2.60
N VAL A 67 6.33 1.26 2.89
CA VAL A 67 7.43 1.77 2.11
C VAL A 67 7.55 1.06 0.76
N GLU A 68 7.70 1.84 -0.32
CA GLU A 68 7.81 1.30 -1.67
C GLU A 68 9.16 1.44 -2.32
N THR A 69 9.81 2.60 -2.14
CA THR A 69 11.03 2.93 -2.87
C THR A 69 11.95 3.82 -2.05
N TRP A 70 13.24 3.78 -2.35
CA TRP A 70 14.24 4.73 -1.83
C TRP A 70 14.88 5.48 -2.98
N GLU A 71 15.33 6.71 -2.72
CA GLU A 71 15.97 7.53 -3.73
C GLU A 71 16.92 8.47 -3.02
N GLU A 72 18.18 8.57 -3.47
CA GLU A 72 19.09 9.55 -2.87
C GLU A 72 18.67 10.94 -3.35
N VAL A 73 18.67 11.90 -2.43
CA VAL A 73 18.48 13.35 -2.71
C VAL A 73 19.60 14.17 -2.09
N LYS A 74 19.74 15.44 -2.51
CA LYS A 74 20.70 16.36 -1.87
C LYS A 74 19.99 17.20 -0.86
N PHE A 75 20.73 17.65 0.18
CA PHE A 75 20.17 18.38 1.30
C PHE A 75 19.38 19.60 0.83
N GLU A 76 19.97 20.35 -0.09
CA GLU A 76 19.40 21.63 -0.55
C GLU A 76 18.07 21.51 -1.32
N ASP A 77 17.69 20.31 -1.77
CA ASP A 77 16.46 20.07 -2.48
C ASP A 77 15.37 19.44 -1.62
N MSE A 78 15.65 19.13 -0.35
CA MSE A 78 14.64 18.59 0.53
C MSE A 78 13.69 19.71 0.94
O MSE A 78 14.09 20.92 0.89
CB MSE A 78 15.29 17.98 1.77
CG MSE A 78 16.23 16.83 1.45
SE MSE A 78 16.87 15.88 2.99
CE MSE A 78 17.46 17.35 4.14
N PRO A 79 12.50 19.36 1.44
CA PRO A 79 11.61 20.40 1.99
C PRO A 79 12.28 21.31 3.05
N ASP A 80 11.91 22.58 3.07
CA ASP A 80 12.59 23.58 3.93
C ASP A 80 12.58 23.21 5.40
N SER A 81 11.41 22.80 5.92
CA SER A 81 11.31 22.38 7.33
C SER A 81 12.03 21.08 7.62
N VAL A 82 12.17 20.22 6.63
CA VAL A 82 12.98 19.00 6.75
C VAL A 82 14.46 19.36 6.83
N GLN A 83 14.93 20.27 5.96
CA GLN A 83 16.31 20.79 6.05
C GLN A 83 16.67 21.35 7.47
N SER A 84 15.75 22.14 8.05
CA SER A 84 15.91 22.68 9.42
C SER A 84 16.04 21.62 10.50
N LYS A 85 15.28 20.54 10.36
CA LYS A 85 15.29 19.43 11.33
C LYS A 85 16.44 18.43 11.14
N LEU A 86 16.88 18.23 9.90
CA LEU A 86 17.99 17.29 9.58
C LEU A 86 19.40 17.92 9.51
N LYS A 87 19.53 19.25 9.53
CA LYS A 87 20.85 19.90 9.48
C LYS A 87 21.78 19.48 10.63
N GLY B 1 4.91 8.79 13.17
CA GLY B 1 4.46 7.42 12.82
C GLY B 1 5.56 6.51 12.28
N ARG B 2 5.22 5.25 12.06
CA ARG B 2 6.18 4.19 11.70
C ARG B 2 5.84 3.59 10.35
N PHE B 3 6.86 3.44 9.51
CA PHE B 3 6.73 2.93 8.16
C PHE B 3 7.66 1.73 8.01
N ASN B 4 7.24 0.75 7.23
CA ASN B 4 8.06 -0.42 6.92
C ASN B 4 7.60 -1.08 5.63
N PRO B 5 8.39 -2.04 5.08
CA PRO B 5 7.96 -2.74 3.88
C PRO B 5 7.22 -4.09 4.13
N PHE B 6 6.62 -4.27 5.32
CA PHE B 6 6.02 -5.53 5.73
C PHE B 6 4.47 -5.49 5.70
N ILE B 7 3.92 -5.26 4.53
CA ILE B 7 2.48 -5.08 4.43
C ILE B 7 1.76 -6.38 4.12
N HIS B 8 0.62 -6.54 4.78
CA HIS B 8 -0.19 -7.71 4.61
C HIS B 8 -0.94 -7.56 3.28
N GLN B 9 -0.49 -8.32 2.28
CA GLN B 9 -1.15 -8.44 0.99
C GLN B 9 -2.12 -9.63 1.03
N GLN B 10 -3.32 -9.48 0.45
CA GLN B 10 -4.25 -10.60 0.26
C GLN B 10 -5.23 -10.40 -0.88
N ASP B 11 -5.70 -11.52 -1.43
CA ASP B 11 -6.75 -11.51 -2.46
C ASP B 11 -8.09 -11.53 -1.77
N VAL B 12 -8.96 -10.59 -2.12
CA VAL B 12 -10.34 -10.55 -1.63
C VAL B 12 -11.28 -10.73 -2.80
N TYR B 13 -12.16 -11.72 -2.71
CA TYR B 13 -13.09 -12.09 -3.77
C TYR B 13 -14.46 -11.51 -3.48
N VAL B 14 -15.04 -10.83 -4.48
CA VAL B 14 -16.40 -10.27 -4.37
C VAL B 14 -17.24 -10.67 -5.59
N GLN B 15 -18.55 -10.63 -5.41
CA GLN B 15 -19.49 -10.68 -6.52
C GLN B 15 -20.13 -9.32 -6.64
N ILE B 16 -20.40 -8.88 -7.88
CA ILE B 16 -21.15 -7.62 -8.13
C ILE B 16 -22.66 -7.89 -7.87
N ASP B 17 -22.98 -7.98 -6.57
CA ASP B 17 -24.33 -8.35 -6.07
C ASP B 17 -25.07 -7.16 -5.43
N ARG B 18 -24.41 -6.01 -5.34
CA ARG B 18 -25.07 -4.72 -5.13
C ARG B 18 -24.80 -3.83 -6.35
N ASP B 19 -25.76 -2.98 -6.71
CA ASP B 19 -25.54 -1.94 -7.72
C ASP B 19 -24.67 -0.85 -7.07
N GLY B 20 -23.91 -0.15 -7.90
CA GLY B 20 -23.05 0.90 -7.41
C GLY B 20 -23.81 2.19 -7.21
N ARG B 21 -23.10 3.19 -6.76
CA ARG B 21 -23.63 4.51 -6.59
C ARG B 21 -22.89 5.41 -7.57
N HIS B 22 -23.62 6.10 -8.45
CA HIS B 22 -22.98 6.92 -9.46
C HIS B 22 -22.34 8.15 -8.84
N LEU B 23 -21.06 8.39 -9.17
CA LEU B 23 -20.34 9.61 -8.82
C LEU B 23 -19.94 10.29 -10.12
N SER B 24 -20.24 11.56 -10.24
CA SER B 24 -19.97 12.30 -11.46
C SER B 24 -18.53 12.85 -11.39
N PRO B 25 -17.77 12.83 -12.53
CA PRO B 25 -18.11 12.37 -13.92
C PRO B 25 -17.73 10.91 -14.23
N GLY B 26 -18.67 10.14 -14.77
CA GLY B 26 -18.43 8.78 -15.25
C GLY B 26 -17.97 7.74 -14.24
N GLY B 27 -18.20 7.98 -12.96
CA GLY B 27 -17.73 7.12 -11.89
C GLY B 27 -18.83 6.32 -11.24
N THR B 28 -18.44 5.21 -10.63
CA THR B 28 -19.34 4.37 -9.84
C THR B 28 -18.58 3.96 -8.58
N GLU B 29 -19.17 4.18 -7.41
CA GLU B 29 -18.66 3.62 -6.13
C GLU B 29 -19.33 2.27 -5.85
N TYR B 30 -18.50 1.23 -5.66
CA TYR B 30 -18.93 -0.08 -5.14
C TYR B 30 -18.37 -0.28 -3.73
N THR B 31 -19.24 -0.60 -2.78
CA THR B 31 -18.89 -1.15 -1.49
C THR B 31 -19.54 -2.51 -1.45
N LEU B 32 -18.72 -3.58 -1.47
CA LEU B 32 -19.20 -4.97 -1.60
C LEU B 32 -18.61 -5.79 -0.46
N ASP B 33 -19.37 -6.79 -0.01
CA ASP B 33 -18.94 -7.68 1.06
C ASP B 33 -18.43 -8.94 0.41
N GLY B 34 -17.14 -9.21 0.59
CA GLY B 34 -16.47 -10.32 -0.03
C GLY B 34 -15.81 -11.24 0.98
N TYR B 35 -14.90 -12.08 0.46
CA TYR B 35 -14.22 -13.14 1.23
C TYR B 35 -12.80 -13.34 0.73
N ASN B 36 -11.84 -13.53 1.66
CA ASN B 36 -10.45 -13.89 1.27
C ASN B 36 -10.33 -15.38 1.05
N ALA B 37 -9.15 -15.83 0.59
CA ALA B 37 -8.92 -17.26 0.23
C ALA B 37 -9.32 -18.26 1.30
N SER B 38 -9.16 -17.89 2.57
CA SER B 38 -9.62 -18.76 3.70
C SER B 38 -11.06 -18.44 4.23
N GLY B 39 -11.87 -17.73 3.44
CA GLY B 39 -13.29 -17.49 3.77
C GLY B 39 -13.65 -16.46 4.86
N LYS B 40 -12.68 -15.64 5.31
CA LYS B 40 -12.95 -14.57 6.30
C LYS B 40 -13.71 -13.43 5.60
N LYS B 41 -14.69 -12.82 6.29
CA LYS B 41 -15.50 -11.71 5.71
C LYS B 41 -14.67 -10.45 5.53
N GLU B 42 -14.81 -9.81 4.37
CA GLU B 42 -14.17 -8.54 4.04
C GLU B 42 -15.21 -7.59 3.43
N GLU B 43 -15.01 -6.29 3.64
CA GLU B 43 -15.69 -5.23 2.92
C GLU B 43 -14.64 -4.48 2.06
N VAL B 44 -14.91 -4.35 0.76
CA VAL B 44 -14.04 -3.60 -0.17
CA VAL B 44 -14.03 -3.58 -0.14
C VAL B 44 -14.84 -2.42 -0.74
N THR B 45 -14.22 -1.24 -0.76
CA THR B 45 -14.78 -0.06 -1.44
C THR B 45 -13.81 0.31 -2.53
N PHE B 46 -14.32 0.47 -3.75
CA PHE B 46 -13.49 0.93 -4.88
C PHE B 46 -14.35 1.69 -5.88
N PHE B 47 -13.68 2.38 -6.79
CA PHE B 47 -14.29 3.17 -7.82
C PHE B 47 -14.06 2.51 -9.16
N ALA B 48 -15.07 2.58 -10.03
CA ALA B 48 -14.96 2.15 -11.41
C ALA B 48 -15.34 3.29 -12.34
N GLY B 49 -14.91 3.17 -13.60
CA GLY B 49 -15.21 4.16 -14.66
C GLY B 49 -16.28 3.70 -15.65
N LYS B 50 -16.80 2.49 -15.45
CA LYS B 50 -17.99 2.01 -16.14
C LYS B 50 -18.68 1.14 -15.12
N GLU B 51 -20.02 1.19 -15.06
CA GLU B 51 -20.76 0.18 -14.26
C GLU B 51 -20.35 -1.25 -14.68
N LEU B 52 -20.04 -2.07 -13.68
CA LEU B 52 -19.64 -3.45 -13.90
C LEU B 52 -20.87 -4.35 -14.13
N ARG B 53 -20.68 -5.45 -14.86
CA ARG B 53 -21.77 -6.37 -15.19
C ARG B 53 -22.27 -7.08 -13.91
N LYS B 54 -23.60 -7.15 -13.75
CA LYS B 54 -24.23 -7.67 -12.53
C LYS B 54 -23.89 -9.17 -12.37
N ASN B 55 -23.60 -9.58 -11.12
CA ASN B 55 -23.18 -10.94 -10.77
C ASN B 55 -21.83 -11.45 -11.32
N ALA B 56 -21.03 -10.58 -11.93
CA ALA B 56 -19.62 -10.87 -12.21
C ALA B 56 -18.87 -11.02 -10.88
N TYR B 57 -17.78 -11.77 -10.93
CA TYR B 57 -16.92 -12.00 -9.77
C TYR B 57 -15.61 -11.24 -9.97
N LEU B 58 -15.10 -10.63 -8.91
CA LEU B 58 -13.83 -9.92 -8.97
C LEU B 58 -12.87 -10.50 -7.94
N LYS B 59 -11.61 -10.63 -8.34
CA LYS B 59 -10.50 -10.81 -7.42
C LYS B 59 -9.90 -9.42 -7.20
N VAL B 60 -9.97 -8.91 -5.95
CA VAL B 60 -9.41 -7.60 -5.56
C VAL B 60 -8.10 -7.84 -4.79
N LYS B 61 -7.01 -7.20 -5.19
CA LYS B 61 -5.76 -7.28 -4.42
C LYS B 61 -5.78 -6.19 -3.38
N ALA B 62 -5.74 -6.58 -2.10
CA ALA B 62 -5.72 -5.69 -0.97
C ALA B 62 -4.32 -5.67 -0.40
N LYS B 63 -3.82 -4.47 -0.10
CA LYS B 63 -2.48 -4.25 0.41
C LYS B 63 -2.72 -3.35 1.66
N GLY B 64 -2.58 -3.95 2.85
CA GLY B 64 -2.91 -3.30 4.11
C GLY B 64 -4.40 -3.02 4.14
N LYS B 65 -4.77 -1.79 4.48
CA LYS B 65 -6.16 -1.31 4.35
C LYS B 65 -6.57 -0.82 2.92
N TYR B 66 -5.70 -0.94 1.91
CA TYR B 66 -5.99 -0.36 0.60
C TYR B 66 -6.39 -1.39 -0.45
N VAL B 67 -7.37 -1.04 -1.26
CA VAL B 67 -7.61 -1.69 -2.50
C VAL B 67 -6.56 -1.18 -3.48
N GLU B 68 -5.77 -2.10 -4.02
CA GLU B 68 -4.67 -1.80 -4.93
C GLU B 68 -5.14 -1.93 -6.35
N THR B 69 -5.70 -3.08 -6.68
CA THR B 69 -6.25 -3.29 -8.00
C THR B 69 -7.28 -4.42 -7.98
N TRP B 70 -7.98 -4.59 -9.08
CA TRP B 70 -8.93 -5.69 -9.24
C TRP B 70 -9.00 -6.19 -10.68
N GLU B 71 -9.55 -7.39 -10.84
CA GLU B 71 -9.82 -7.96 -12.15
C GLU B 71 -11.02 -8.90 -12.06
N GLU B 72 -11.72 -9.08 -13.18
CA GLU B 72 -12.78 -10.07 -13.24
C GLU B 72 -12.16 -11.47 -13.24
N VAL B 73 -12.82 -12.40 -12.55
CA VAL B 73 -12.43 -13.81 -12.53
C VAL B 73 -13.64 -14.67 -12.72
N LYS B 74 -13.43 -15.87 -13.26
CA LYS B 74 -14.48 -16.87 -13.37
C LYS B 74 -14.68 -17.54 -12.02
N PHE B 75 -15.92 -17.98 -11.78
CA PHE B 75 -16.27 -18.70 -10.53
C PHE B 75 -15.30 -19.86 -10.25
N GLU B 76 -14.99 -20.63 -11.29
CA GLU B 76 -14.10 -21.80 -11.18
C GLU B 76 -12.64 -21.52 -10.82
N ASP B 77 -12.19 -20.29 -11.06
CA ASP B 77 -10.84 -19.87 -10.73
C ASP B 77 -10.71 -19.34 -9.31
N MSE B 78 -11.81 -19.31 -8.55
CA MSE B 78 -11.78 -18.84 -7.17
C MSE B 78 -11.45 -20.04 -6.27
O MSE B 78 -11.77 -21.18 -6.64
CB MSE B 78 -13.13 -18.23 -6.76
CG MSE B 78 -13.57 -17.09 -7.70
SE MSE B 78 -15.01 -16.00 -7.02
CE MSE B 78 -16.31 -17.37 -6.67
N PRO B 79 -10.82 -19.80 -5.08
CA PRO B 79 -10.58 -20.93 -4.14
C PRO B 79 -11.87 -21.58 -3.64
N ASP B 80 -11.77 -22.85 -3.21
CA ASP B 80 -12.94 -23.63 -2.82
CA ASP B 80 -12.93 -23.67 -2.74
C ASP B 80 -13.79 -22.93 -1.73
N SER B 81 -13.14 -22.39 -0.70
CA SER B 81 -13.80 -21.62 0.37
C SER B 81 -14.55 -20.38 -0.11
N VAL B 82 -14.06 -19.71 -1.14
CA VAL B 82 -14.76 -18.55 -1.72
C VAL B 82 -15.99 -19.00 -2.52
N GLN B 83 -15.81 -20.02 -3.35
CA GLN B 83 -16.92 -20.64 -4.10
C GLN B 83 -18.07 -21.06 -3.16
N SER B 84 -17.72 -21.57 -1.98
CA SER B 84 -18.69 -21.95 -0.95
C SER B 84 -19.52 -20.77 -0.44
N LYS B 85 -18.85 -19.69 -0.06
CA LYS B 85 -19.56 -18.51 0.45
C LYS B 85 -20.31 -17.69 -0.67
N LEU B 86 -19.72 -17.60 -1.88
CA LEU B 86 -20.29 -16.77 -2.98
C LEU B 86 -21.20 -17.50 -4.03
N LYS B 87 -21.37 -18.82 -3.94
CA LYS B 87 -22.27 -19.56 -4.89
C LYS B 87 -23.72 -19.07 -4.90
C1 GOL C . 12.25 -0.21 -1.38
O1 GOL C . 11.54 -1.34 -1.82
C2 GOL C . 12.82 -0.39 -0.05
O2 GOL C . 13.56 0.78 0.30
C3 GOL C . 11.79 -0.66 1.01
O3 GOL C . 12.40 -1.64 1.72
C1 GOL D . 1.63 9.84 11.91
O1 GOL D . 1.59 8.95 10.83
C2 GOL D . 0.72 9.39 13.06
O2 GOL D . -0.09 10.47 13.47
C3 GOL D . 1.45 8.88 14.31
O3 GOL D . 2.32 9.86 14.84
C1 GOL E . 27.26 19.98 -3.45
O1 GOL E . 28.41 19.24 -3.14
C2 GOL E . 26.06 19.28 -2.83
O2 GOL E . 24.93 19.44 -3.68
C3 GOL E . 25.79 19.85 -1.44
O3 GOL E . 24.78 19.12 -0.78
C1 GOL F . 23.40 5.41 -3.65
O1 GOL F . 23.10 5.14 -5.01
C2 GOL F . 24.89 5.71 -3.47
O2 GOL F . 25.69 5.04 -4.42
C3 GOL F . 25.36 5.30 -2.10
O3 GOL F . 24.71 6.13 -1.16
C1 GOL G . 26.40 16.76 4.87
O1 GOL G . 27.00 16.18 3.73
C2 GOL G . 26.75 15.99 6.13
O2 GOL G . 28.15 15.87 6.24
C3 GOL G . 26.18 16.69 7.35
O3 GOL G . 25.94 15.74 8.37
S SO4 H . -10.56 -8.04 11.00
O1 SO4 H . -11.90 -8.66 11.09
O2 SO4 H . -10.71 -6.59 10.90
O3 SO4 H . -9.80 -8.38 12.20
O4 SO4 H . -9.87 -8.55 9.81
S SO4 I . 24.49 -12.54 0.75
O1 SO4 I . 23.88 -11.90 1.88
O2 SO4 I . 25.88 -12.77 1.02
O3 SO4 I . 23.81 -13.80 0.48
O4 SO4 I . 24.41 -11.62 -0.38
S SO4 J . 6.40 9.70 -7.27
O1 SO4 J . 6.60 10.46 -8.49
O2 SO4 J . 7.67 9.43 -6.63
O3 SO4 J . 5.52 10.41 -6.37
O4 SO4 J . 5.78 8.41 -7.61
S SO4 K . 4.29 5.20 -8.75
O1 SO4 K . 4.03 5.15 -7.31
O2 SO4 K . 5.74 5.22 -8.98
O3 SO4 K . 3.71 4.03 -9.42
O4 SO4 K . 3.70 6.40 -9.31
S SO4 L . 15.77 -5.49 13.01
O1 SO4 L . 15.79 -5.93 14.37
O2 SO4 L . 15.00 -4.24 13.02
O3 SO4 L . 17.13 -5.32 12.46
O4 SO4 L . 15.07 -6.50 12.24
C1 GOL M . -8.20 0.36 -8.18
O1 GOL M . -7.71 0.17 -9.51
C2 GOL M . -9.38 1.34 -8.20
O2 GOL M . -10.51 0.77 -8.84
C3 GOL M . -9.72 1.76 -6.76
O3 GOL M . -10.80 2.69 -6.80
C1 GOL N . -22.34 -19.04 -10.07
O1 GOL N . -22.25 -18.61 -11.40
C2 GOL N . -22.94 -20.42 -10.00
O2 GOL N . -24.33 -20.29 -10.18
C3 GOL N . -22.65 -21.06 -8.64
O3 GOL N . -22.85 -22.45 -8.65
S SO4 O . -4.70 7.32 5.37
O1 SO4 O . -5.22 6.80 6.63
O2 SO4 O . -5.38 8.62 5.08
O3 SO4 O . -3.26 7.46 5.58
O4 SO4 O . -5.03 6.34 4.31
S SO4 P . -21.81 12.16 -15.38
O1 SO4 P . -22.79 12.00 -16.43
O2 SO4 P . -21.20 13.49 -15.47
O3 SO4 P . -22.46 12.03 -14.07
O4 SO4 P . -20.84 11.10 -15.55
S SO4 Q . 2.32 3.77 14.39
O1 SO4 Q . 2.67 4.47 13.16
O2 SO4 Q . 3.17 4.25 15.49
O3 SO4 Q . 0.92 4.06 14.71
O4 SO4 Q . 2.48 2.32 14.24
S SO4 R . -23.41 9.34 2.28
O1 SO4 R . -23.79 10.70 1.99
O2 SO4 R . -22.25 9.11 1.40
O3 SO4 R . -22.99 9.21 3.66
O4 SO4 R . -24.59 8.48 2.18
#